data_2J12
#
_entry.id   2J12
#
_cell.length_a   131.780
_cell.length_b   131.780
_cell.length_c   131.780
_cell.angle_alpha   90.00
_cell.angle_beta   90.00
_cell.angle_gamma   90.00
#
_symmetry.space_group_name_H-M   'I 2 3'
#
loop_
_entity.id
_entity.type
_entity.pdbx_description
1 polymer 'FIBER PROTEIN'
2 polymer 'COXSACKIEVIRUS AND ADENOVIRUS RECEPTOR'
3 non-polymer 'CALCIUM ION'
4 water water
#
loop_
_entity_poly.entity_id
_entity_poly.type
_entity_poly.pdbx_seq_one_letter_code
_entity_poly.pdbx_strand_id
1 'polypeptide(L)'
;GAMGSWNPKYDTRTLWTTPDTSPNCTIAQDKDSKLTLVLTKCGSQILANVSLIVVAGKYHIINNKTNPKIKSFTIKLLFN
KNGVLLDNSNLGKAYWNFRSGNSNVSTAYEKAIGFMPNLVAYPKPSNSKKYARDIVYGTIYLGGKPDQPAVIKTTFNQET
GCEYSITFNFSWSKTYENVEFETTSFTFSYIAQE
;
A
2 'polypeptide(L)'
;MADFARSLSITTPEEMIEKAKGETAYLPCKFTLSPEDQGPLDIEWLISPADNQKVDQVIILYSGDKIYDDYYPDLKGRVH
FTSNDLKSGDASINVTNLQLSDIGTYQCKVKKAPGVANKKIHLVVLVK
;
B
#
# COMPACT_ATOMS: atom_id res chain seq x y z
N ARG A 13 -11.01 -7.48 18.19
CA ARG A 13 -10.96 -6.28 17.32
C ARG A 13 -9.74 -6.23 16.38
N THR A 14 -9.93 -5.57 15.24
CA THR A 14 -8.92 -5.53 14.18
C THR A 14 -8.50 -4.12 13.82
N LEU A 15 -7.18 -3.90 13.87
CA LEU A 15 -6.55 -2.65 13.47
C LEU A 15 -5.74 -2.98 12.22
N TRP A 16 -5.98 -2.28 11.12
CA TRP A 16 -5.36 -2.68 9.86
C TRP A 16 -5.15 -1.57 8.86
N THR A 17 -4.49 -1.93 7.76
CA THR A 17 -4.25 -1.05 6.62
C THR A 17 -5.38 -1.14 5.58
N THR A 18 -6.41 -1.93 5.89
CA THR A 18 -7.39 -2.48 4.92
C THR A 18 -6.71 -3.57 4.08
N PRO A 19 -7.52 -4.44 3.44
CA PRO A 19 -6.90 -5.53 2.68
C PRO A 19 -6.47 -5.23 1.23
N ASP A 20 -6.74 -4.01 0.76
CA ASP A 20 -6.39 -3.65 -0.62
C ASP A 20 -5.95 -2.19 -0.71
N THR A 21 -5.05 -1.82 0.21
CA THR A 21 -4.66 -0.42 0.35
C THR A 21 -4.15 0.22 -0.96
N SER A 22 -4.44 1.50 -1.14
CA SER A 22 -3.67 2.30 -2.12
C SER A 22 -2.26 2.47 -1.53
N PRO A 23 -1.30 2.98 -2.33
CA PRO A 23 0.02 3.19 -1.75
C PRO A 23 -0.04 3.93 -0.40
N ASN A 24 0.57 3.32 0.61
CA ASN A 24 0.48 3.80 1.99
C ASN A 24 1.82 3.80 2.68
N CYS A 25 2.88 3.64 1.90
CA CYS A 25 4.19 3.47 2.50
C CYS A 25 5.24 4.19 1.67
N THR A 26 6.21 4.76 2.37
CA THR A 26 7.25 5.56 1.75
C THR A 26 8.60 5.02 2.20
N ILE A 27 9.34 4.38 1.29
CA ILE A 27 10.65 3.84 1.64
C ILE A 27 11.76 4.69 1.05
N ALA A 28 11.86 4.68 -0.28
CA ALA A 28 12.85 5.49 -1.02
C ALA A 28 12.29 6.80 -1.55
N GLN A 29 10.98 6.82 -1.82
CA GLN A 29 10.29 8.00 -2.34
C GLN A 29 8.82 7.91 -1.91
N ASP A 30 8.13 9.06 -1.95
CA ASP A 30 6.77 9.15 -1.43
CA ASP A 30 6.75 9.11 -1.46
C ASP A 30 5.85 8.09 -2.07
N LYS A 31 5.14 7.36 -1.21
CA LYS A 31 4.09 6.44 -1.67
C LYS A 31 4.60 5.45 -2.72
N ASP A 32 5.75 4.84 -2.42
CA ASP A 32 6.35 3.87 -3.32
C ASP A 32 5.96 2.42 -3.04
N SER A 33 5.11 2.21 -2.04
CA SER A 33 4.80 0.84 -1.62
C SER A 33 3.44 0.71 -0.93
N LYS A 34 2.97 -0.54 -0.88
CA LYS A 34 1.72 -0.92 -0.23
C LYS A 34 2.05 -1.98 0.83
N LEU A 35 2.03 -1.55 2.09
CA LEU A 35 2.17 -2.49 3.20
C LEU A 35 0.79 -2.96 3.61
N THR A 36 0.56 -4.26 3.57
CA THR A 36 -0.70 -4.81 4.08
C THR A 36 -0.39 -5.40 5.45
N LEU A 37 -1.04 -4.85 6.48
CA LEU A 37 -0.82 -5.29 7.85
C LEU A 37 -2.16 -5.36 8.56
N VAL A 38 -2.45 -6.54 9.11
CA VAL A 38 -3.69 -6.77 9.84
C VAL A 38 -3.30 -7.24 11.23
N LEU A 39 -3.79 -6.53 12.24
CA LEU A 39 -3.55 -6.86 13.65
C LEU A 39 -4.88 -7.20 14.29
N THR A 40 -5.00 -8.44 14.77
CA THR A 40 -6.21 -8.86 15.46
C THR A 40 -5.91 -9.22 16.89
N LYS A 41 -6.62 -8.58 17.82
CA LYS A 41 -6.30 -8.75 19.23
C LYS A 41 -6.92 -10.03 19.76
N CYS A 42 -6.05 -10.92 20.25
CA CYS A 42 -6.46 -12.16 20.90
C CYS A 42 -6.01 -12.07 22.37
N GLY A 43 -6.65 -11.17 23.11
CA GLY A 43 -6.23 -10.91 24.48
C GLY A 43 -4.80 -10.44 24.54
N SER A 44 -3.95 -11.16 25.28
CA SER A 44 -2.59 -10.68 25.45
CA SER A 44 -2.53 -10.89 25.50
C SER A 44 -1.63 -11.01 24.30
N GLN A 45 -2.14 -11.64 23.24
CA GLN A 45 -1.36 -11.78 22.01
C GLN A 45 -2.07 -11.11 20.88
N ILE A 46 -1.29 -10.42 20.04
CA ILE A 46 -1.77 -9.89 18.77
C ILE A 46 -1.42 -10.89 17.67
N LEU A 47 -2.43 -11.27 16.89
CA LEU A 47 -2.27 -12.14 15.73
C LEU A 47 -2.09 -11.20 14.54
N ALA A 48 -0.93 -11.29 13.90
CA ALA A 48 -0.56 -10.34 12.84
C ALA A 48 -0.33 -11.03 11.50
N ASN A 49 -0.70 -10.35 10.42
CA ASN A 49 -0.57 -10.89 9.08
C ASN A 49 -0.03 -9.76 8.19
N VAL A 50 1.06 -10.02 7.45
CA VAL A 50 1.76 -8.97 6.72
C VAL A 50 2.20 -9.39 5.32
N SER A 51 2.22 -8.42 4.40
CA SER A 51 2.84 -8.57 3.09
C SER A 51 3.24 -7.20 2.58
N LEU A 52 4.03 -7.18 1.51
CA LEU A 52 4.46 -5.93 0.90
C LEU A 52 4.37 -6.01 -0.63
N ILE A 53 3.85 -4.95 -1.23
CA ILE A 53 3.93 -4.75 -2.68
C ILE A 53 4.65 -3.43 -2.91
N VAL A 54 5.83 -3.47 -3.52
CA VAL A 54 6.50 -2.23 -3.91
C VAL A 54 6.00 -1.82 -5.29
N VAL A 55 5.55 -0.57 -5.41
CA VAL A 55 4.90 -0.09 -6.63
C VAL A 55 5.72 0.86 -7.49
N ALA A 56 6.80 1.43 -6.94
CA ALA A 56 7.63 2.41 -7.65
C ALA A 56 8.98 2.50 -6.98
N GLY A 57 9.94 3.13 -7.67
CA GLY A 57 11.19 3.50 -7.03
C GLY A 57 12.20 2.38 -6.92
N LYS A 58 13.23 2.63 -6.10
CA LYS A 58 14.41 1.79 -5.98
C LYS A 58 14.14 0.30 -5.74
N TYR A 59 13.11 -0.01 -4.96
CA TYR A 59 12.86 -1.40 -4.57
C TYR A 59 11.78 -2.11 -5.38
N HIS A 60 11.32 -1.46 -6.45
CA HIS A 60 10.20 -1.96 -7.24
C HIS A 60 10.58 -3.21 -8.04
N ILE A 61 11.62 -3.08 -8.86
CA ILE A 61 12.12 -4.17 -9.66
C ILE A 61 13.57 -4.41 -9.27
N ILE A 62 13.83 -5.57 -8.67
CA ILE A 62 15.18 -5.90 -8.21
C ILE A 62 16.01 -6.46 -9.36
N ASN A 63 17.18 -5.86 -9.58
CA ASN A 63 18.14 -6.41 -10.52
C ASN A 63 19.52 -6.34 -9.91
N ASN A 64 19.94 -7.46 -9.33
CA ASN A 64 21.22 -7.54 -8.64
C ASN A 64 22.40 -7.80 -9.57
N LYS A 65 22.14 -7.97 -10.86
CA LYS A 65 23.23 -7.95 -11.84
C LYS A 65 23.66 -6.51 -12.06
N THR A 66 22.69 -5.61 -12.23
CA THR A 66 22.99 -4.20 -12.42
C THR A 66 23.25 -3.47 -11.10
N ASN A 67 22.55 -3.89 -10.04
CA ASN A 67 22.69 -3.29 -8.71
C ASN A 67 22.96 -4.34 -7.64
N PRO A 68 24.19 -4.89 -7.60
CA PRO A 68 24.47 -6.00 -6.69
C PRO A 68 24.35 -5.69 -5.20
N LYS A 69 24.33 -4.41 -4.83
CA LYS A 69 24.31 -4.05 -3.40
C LYS A 69 22.94 -3.71 -2.83
N ILE A 70 21.88 -3.87 -3.64
CA ILE A 70 20.53 -3.69 -3.10
C ILE A 70 20.10 -5.05 -2.58
N LYS A 71 20.17 -5.22 -1.24
CA LYS A 71 19.94 -6.51 -0.63
C LYS A 71 19.01 -6.48 0.59
N SER A 72 18.68 -5.27 1.07
CA SER A 72 17.96 -5.14 2.34
C SER A 72 17.36 -3.75 2.46
N PHE A 73 16.12 -3.66 2.95
CA PHE A 73 15.50 -2.35 3.24
C PHE A 73 14.50 -2.49 4.37
N THR A 74 14.19 -1.37 5.02
CA THR A 74 13.42 -1.38 6.26
C THR A 74 12.25 -0.42 6.25
N ILE A 75 11.14 -0.87 6.83
CA ILE A 75 9.91 -0.09 7.03
C ILE A 75 9.64 0.01 8.52
N LYS A 76 9.42 1.22 9.03
CA LYS A 76 9.21 1.43 10.49
C LYS A 76 7.81 1.98 10.76
N LEU A 77 7.16 1.39 11.76
CA LEU A 77 5.90 1.89 12.32
C LEU A 77 6.23 2.38 13.71
N LEU A 78 6.03 3.68 13.94
CA LEU A 78 6.37 4.32 15.21
C LEU A 78 5.09 4.80 15.86
N PHE A 79 4.93 4.50 17.15
CA PHE A 79 3.67 4.85 17.84
C PHE A 79 3.95 5.65 19.09
N ASN A 80 3.03 6.58 19.40
CA ASN A 80 3.11 7.34 20.64
C ASN A 80 2.49 6.58 21.82
N LYS A 81 2.39 7.24 22.97
CA LYS A 81 1.95 6.58 24.20
C LYS A 81 0.49 6.07 24.10
N ASN A 82 -0.27 6.64 23.17
CA ASN A 82 -1.65 6.22 22.97
C ASN A 82 -1.81 5.15 21.89
N GLY A 83 -0.69 4.70 21.33
CA GLY A 83 -0.73 3.72 20.24
C GLY A 83 -1.07 4.33 18.90
N VAL A 84 -1.00 5.66 18.81
CA VAL A 84 -1.28 6.37 17.56
C VAL A 84 0.00 6.41 16.71
N LEU A 85 -0.15 6.18 15.40
CA LEU A 85 0.96 6.11 14.47
C LEU A 85 1.54 7.52 14.23
N LEU A 86 2.86 7.65 14.39
CA LEU A 86 3.53 8.94 14.20
C LEU A 86 3.77 9.25 12.72
N ASP A 87 3.72 10.53 12.40
CA ASP A 87 3.87 11.02 11.02
C ASP A 87 5.13 10.59 10.31
N ASN A 88 6.22 10.43 11.06
CA ASN A 88 7.50 10.09 10.46
C ASN A 88 7.69 8.59 10.23
N SER A 89 6.66 7.80 10.54
CA SER A 89 6.66 6.38 10.19
C SER A 89 6.73 6.22 8.67
N ASN A 90 7.26 5.10 8.20
CA ASN A 90 7.18 4.84 6.75
C ASN A 90 5.76 4.60 6.29
N LEU A 91 4.97 3.97 7.15
CA LEU A 91 3.54 3.77 6.92
C LEU A 91 2.77 5.08 7.16
N GLY A 92 1.88 5.42 6.22
CA GLY A 92 1.00 6.59 6.36
C GLY A 92 -0.21 6.32 7.23
N LYS A 93 -0.75 7.40 7.79
CA LYS A 93 -1.83 7.31 8.78
C LYS A 93 -3.24 7.20 8.19
N ALA A 94 -3.42 7.70 6.97
CA ALA A 94 -4.80 7.94 6.46
C ALA A 94 -5.69 6.71 6.48
N TYR A 95 -5.12 5.56 6.10
CA TYR A 95 -5.86 4.29 6.02
C TYR A 95 -5.34 3.23 6.98
N TRP A 96 -4.82 3.69 8.13
CA TRP A 96 -4.43 2.81 9.24
C TRP A 96 -5.42 3.07 10.37
N ASN A 97 -6.33 2.12 10.61
CA ASN A 97 -7.43 2.38 11.52
C ASN A 97 -8.14 1.09 11.89
N PHE A 98 -9.05 1.17 12.85
CA PHE A 98 -9.95 0.07 13.14
C PHE A 98 -10.87 -0.22 11.97
N ARG A 99 -11.14 -1.50 11.76
CA ARG A 99 -11.89 -1.90 10.58
C ARG A 99 -13.38 -1.59 10.64
N SER A 100 -13.93 -1.31 9.46
CA SER A 100 -15.37 -1.31 9.25
C SER A 100 -15.58 -2.01 7.92
N GLY A 101 -16.14 -3.22 7.94
CA GLY A 101 -16.28 -4.01 6.72
C GLY A 101 -14.90 -4.25 6.12
N ASN A 102 -14.76 -3.96 4.83
CA ASN A 102 -13.46 -4.08 4.16
C ASN A 102 -12.68 -2.78 4.10
N SER A 103 -13.16 -1.80 4.85
CA SER A 103 -12.53 -0.49 4.93
C SER A 103 -12.28 -0.18 6.41
N ASN A 104 -12.30 1.11 6.75
CA ASN A 104 -12.04 1.60 8.10
C ASN A 104 -13.21 2.45 8.58
N VAL A 105 -13.35 2.57 9.89
CA VAL A 105 -14.23 3.58 10.47
C VAL A 105 -13.78 4.97 9.99
N SER A 106 -14.71 5.93 9.91
CA SER A 106 -14.44 7.24 9.31
CA SER A 106 -14.39 7.23 9.33
C SER A 106 -13.45 8.09 10.13
N THR A 107 -13.56 8.02 11.45
CA THR A 107 -12.81 8.83 12.36
CA THR A 107 -12.74 8.91 12.30
C THR A 107 -11.48 8.19 12.76
N ALA A 108 -10.39 8.95 12.73
CA ALA A 108 -9.08 8.44 13.17
C ALA A 108 -9.16 7.98 14.63
N TYR A 109 -8.59 6.82 14.93
CA TYR A 109 -8.61 6.32 16.31
C TYR A 109 -7.75 7.16 17.24
N GLU A 110 -8.14 7.20 18.51
CA GLU A 110 -7.39 7.93 19.53
C GLU A 110 -6.57 7.04 20.45
N LYS A 111 -6.97 5.77 20.58
CA LYS A 111 -6.30 4.84 21.51
C LYS A 111 -6.20 3.44 20.90
N ALA A 112 -5.02 2.85 20.99
CA ALA A 112 -4.81 1.47 20.56
C ALA A 112 -3.69 0.83 21.38
N ILE A 113 -3.62 1.16 22.67
CA ILE A 113 -2.54 0.65 23.53
C ILE A 113 -2.56 -0.88 23.61
N GLY A 114 -3.75 -1.48 23.53
CA GLY A 114 -3.89 -2.93 23.54
C GLY A 114 -3.34 -3.64 22.32
N PHE A 115 -2.94 -2.88 21.29
CA PHE A 115 -2.31 -3.44 20.08
C PHE A 115 -0.80 -3.19 20.02
N MET A 116 -0.27 -2.54 21.05
CA MET A 116 1.14 -2.17 21.03
C MET A 116 2.03 -3.32 21.52
N PRO A 117 3.23 -3.44 20.95
CA PRO A 117 4.13 -4.47 21.46
C PRO A 117 4.58 -4.16 22.89
N ASN A 118 4.45 -5.18 23.74
CA ASN A 118 4.68 -5.05 25.18
C ASN A 118 6.12 -4.58 25.49
N LEU A 119 6.25 -3.51 26.28
CA LEU A 119 7.58 -2.95 26.57
C LEU A 119 8.40 -3.75 27.59
N VAL A 120 7.73 -4.57 28.40
CA VAL A 120 8.47 -5.47 29.30
C VAL A 120 8.96 -6.68 28.50
N ALA A 121 8.12 -7.19 27.60
CA ALA A 121 8.53 -8.29 26.70
C ALA A 121 9.65 -7.85 25.77
N TYR A 122 9.54 -6.63 25.27
CA TYR A 122 10.43 -6.13 24.22
C TYR A 122 10.87 -4.71 24.61
N PRO A 123 11.86 -4.61 25.52
CA PRO A 123 12.28 -3.28 25.97
C PRO A 123 13.01 -2.49 24.88
N LYS A 124 12.95 -1.16 24.97
CA LYS A 124 13.77 -0.32 24.11
C LYS A 124 15.25 -0.57 24.36
N PRO A 125 16.10 -0.30 23.35
CA PRO A 125 17.54 -0.39 23.61
C PRO A 125 17.96 0.40 24.86
N SER A 126 18.91 -0.16 25.60
CA SER A 126 19.39 0.44 26.84
C SER A 126 20.85 0.06 26.99
N ASN A 127 21.37 0.08 28.21
CA ASN A 127 22.68 -0.52 28.45
C ASN A 127 22.68 -2.02 28.10
N SER A 128 21.48 -2.63 28.12
CA SER A 128 21.28 -4.02 27.72
C SER A 128 21.04 -4.12 26.23
N LYS A 129 21.77 -5.02 25.57
CA LYS A 129 21.42 -5.40 24.20
C LYS A 129 20.02 -6.02 24.21
N LYS A 130 19.22 -5.75 23.18
CA LYS A 130 17.93 -6.46 23.06
C LYS A 130 18.16 -7.94 22.81
N TYR A 131 17.43 -8.79 23.54
CA TYR A 131 17.48 -10.22 23.28
C TYR A 131 16.89 -10.54 21.91
N ALA A 132 17.33 -11.66 21.35
CA ALA A 132 16.89 -12.09 20.05
C ALA A 132 15.38 -12.37 20.06
N ARG A 133 14.80 -12.65 21.23
CA ARG A 133 13.36 -12.99 21.27
C ARG A 133 12.47 -11.79 20.88
N ASP A 134 13.06 -10.60 20.82
CA ASP A 134 12.34 -9.39 20.39
C ASP A 134 12.16 -9.36 18.86
N ILE A 135 12.62 -10.41 18.17
CA ILE A 135 12.57 -10.53 16.72
C ILE A 135 11.82 -11.80 16.34
N VAL A 136 11.06 -11.72 15.26
CA VAL A 136 10.52 -12.90 14.58
C VAL A 136 10.96 -12.88 13.11
N TYR A 137 11.51 -14.00 12.65
CA TYR A 137 11.84 -14.20 11.22
C TYR A 137 10.80 -15.01 10.49
N GLY A 138 10.51 -14.60 9.26
CA GLY A 138 9.70 -15.40 8.36
C GLY A 138 10.30 -15.38 6.97
N THR A 139 10.10 -16.45 6.21
CA THR A 139 10.52 -16.46 4.81
C THR A 139 9.29 -16.33 3.94
N ILE A 140 9.31 -15.31 3.09
CA ILE A 140 8.28 -15.06 2.09
CA ILE A 140 8.21 -15.12 2.12
C ILE A 140 8.81 -15.27 0.69
N TYR A 141 7.94 -15.24 -0.31
CA TYR A 141 8.36 -15.55 -1.68
C TYR A 141 7.93 -14.46 -2.65
N LEU A 142 8.89 -13.94 -3.39
CA LEU A 142 8.61 -12.85 -4.33
C LEU A 142 7.86 -13.38 -5.54
N GLY A 143 6.75 -12.72 -5.86
CA GLY A 143 5.89 -13.13 -6.98
C GLY A 143 5.24 -14.48 -6.75
N GLY A 144 5.27 -14.97 -5.50
CA GLY A 144 4.71 -16.28 -5.19
C GLY A 144 5.51 -17.46 -5.74
N LYS A 145 6.73 -17.19 -6.22
CA LYS A 145 7.59 -18.22 -6.83
CA LYS A 145 7.53 -18.24 -6.86
C LYS A 145 8.41 -18.94 -5.80
N PRO A 146 8.40 -20.29 -5.81
CA PRO A 146 9.07 -21.05 -4.75
C PRO A 146 10.59 -20.91 -4.74
N ASP A 147 11.17 -20.48 -5.86
CA ASP A 147 12.61 -20.28 -5.95
C ASP A 147 13.02 -18.81 -5.76
N GLN A 148 12.10 -17.99 -5.26
CA GLN A 148 12.39 -16.58 -4.99
C GLN A 148 12.18 -16.17 -3.52
N PRO A 149 12.87 -16.86 -2.58
CA PRO A 149 12.68 -16.50 -1.18
C PRO A 149 13.28 -15.15 -0.82
N ALA A 150 12.66 -14.50 0.16
CA ALA A 150 13.23 -13.32 0.82
C ALA A 150 12.81 -13.42 2.27
N VAL A 151 13.53 -12.71 3.12
CA VAL A 151 13.33 -12.85 4.56
C VAL A 151 12.70 -11.57 5.12
N ILE A 152 11.63 -11.73 5.88
CA ILE A 152 11.05 -10.62 6.63
CA ILE A 152 11.05 -10.60 6.64
C ILE A 152 11.47 -10.78 8.09
N LYS A 153 12.19 -9.80 8.60
CA LYS A 153 12.66 -9.80 9.97
CA LYS A 153 12.66 -9.79 9.98
C LYS A 153 11.89 -8.69 10.67
N THR A 154 11.08 -9.07 11.64
CA THR A 154 10.24 -8.10 12.36
C THR A 154 10.80 -7.95 13.78
N THR A 155 11.09 -6.70 14.16
CA THR A 155 11.61 -6.40 15.50
C THR A 155 10.65 -5.49 16.25
N PHE A 156 10.41 -5.83 17.52
CA PHE A 156 9.54 -5.01 18.38
C PHE A 156 10.34 -4.04 19.24
N ASN A 157 9.93 -2.77 19.22
CA ASN A 157 10.48 -1.73 20.10
C ASN A 157 12.00 -1.53 19.96
N GLN A 158 12.46 -1.47 18.72
CA GLN A 158 13.86 -1.17 18.41
C GLN A 158 14.13 0.34 18.33
N GLU A 159 13.10 1.10 17.97
CA GLU A 159 13.33 2.46 17.45
C GLU A 159 13.24 3.57 18.48
N THR A 160 13.96 4.65 18.19
CA THR A 160 13.97 5.88 18.98
CA THR A 160 13.94 5.86 19.00
C THR A 160 12.83 6.79 18.52
N GLY A 161 12.54 7.84 19.30
CA GLY A 161 11.57 8.86 18.89
C GLY A 161 10.11 8.41 18.88
N CYS A 162 9.81 7.46 19.77
CA CYS A 162 8.47 6.89 19.87
C CYS A 162 8.33 6.16 21.20
N GLU A 163 7.10 5.81 21.58
CA GLU A 163 6.90 4.96 22.75
C GLU A 163 6.99 3.47 22.38
N TYR A 164 6.46 3.12 21.21
CA TYR A 164 6.45 1.73 20.72
C TYR A 164 6.84 1.73 19.26
N SER A 165 7.36 0.60 18.78
CA SER A 165 7.66 0.48 17.36
C SER A 165 7.52 -0.95 16.87
N ILE A 166 7.17 -1.09 15.59
CA ILE A 166 7.29 -2.36 14.87
C ILE A 166 8.13 -2.07 13.63
N THR A 167 9.23 -2.82 13.47
CA THR A 167 10.13 -2.61 12.33
C THR A 167 10.12 -3.85 11.45
N PHE A 168 9.90 -3.66 10.15
CA PHE A 168 9.94 -4.75 9.18
C PHE A 168 11.14 -4.56 8.28
N ASN A 169 12.06 -5.52 8.33
CA ASN A 169 13.21 -5.50 7.44
C ASN A 169 13.07 -6.61 6.40
N PHE A 170 13.27 -6.26 5.13
CA PHE A 170 13.17 -7.20 4.02
C PHE A 170 14.55 -7.40 3.42
N SER A 171 15.00 -8.64 3.35
CA SER A 171 16.33 -8.90 2.79
CA SER A 171 16.35 -8.95 2.86
C SER A 171 16.36 -10.21 1.99
N TRP A 172 17.37 -10.34 1.15
CA TRP A 172 17.49 -11.56 0.33
C TRP A 172 18.97 -11.80 0.02
N SER A 173 19.28 -13.04 -0.33
CA SER A 173 20.66 -13.45 -0.62
CA SER A 173 20.67 -13.41 -0.63
C SER A 173 20.90 -13.73 -2.10
N LYS A 174 19.87 -14.25 -2.78
CA LYS A 174 19.98 -14.60 -4.20
CA LYS A 174 20.02 -14.60 -4.17
C LYS A 174 20.24 -13.37 -5.07
N THR A 175 20.85 -13.60 -6.22
CA THR A 175 21.07 -12.55 -7.20
C THR A 175 19.83 -12.52 -8.12
N TYR A 176 18.83 -11.72 -7.75
CA TYR A 176 17.61 -11.63 -8.54
C TYR A 176 17.79 -10.71 -9.74
N GLU A 177 17.25 -11.12 -10.88
CA GLU A 177 17.36 -10.34 -12.11
C GLU A 177 15.97 -10.00 -12.64
N ASN A 178 15.60 -8.73 -12.47
CA ASN A 178 14.29 -8.22 -12.88
C ASN A 178 13.10 -8.93 -12.21
N VAL A 179 13.16 -8.97 -10.88
CA VAL A 179 12.12 -9.58 -10.06
C VAL A 179 11.34 -8.48 -9.34
N GLU A 180 10.03 -8.44 -9.58
CA GLU A 180 9.19 -7.43 -8.96
C GLU A 180 9.02 -7.74 -7.48
N PHE A 181 9.23 -6.73 -6.64
CA PHE A 181 9.17 -6.96 -5.21
C PHE A 181 7.73 -6.91 -4.68
N GLU A 182 7.03 -8.04 -4.78
CA GLU A 182 5.68 -8.15 -4.22
C GLU A 182 5.59 -9.55 -3.60
N THR A 183 5.21 -9.60 -2.32
CA THR A 183 5.47 -10.80 -1.52
C THR A 183 4.24 -11.62 -1.19
N THR A 184 4.47 -12.90 -0.85
CA THR A 184 3.46 -13.69 -0.18
C THR A 184 3.23 -13.15 1.25
N SER A 185 2.21 -13.68 1.93
CA SER A 185 1.84 -13.19 3.25
C SER A 185 2.40 -14.08 4.35
N PHE A 186 2.71 -13.45 5.48
CA PHE A 186 3.29 -14.11 6.64
C PHE A 186 2.50 -13.77 7.88
N THR A 187 2.22 -14.79 8.69
CA THR A 187 1.54 -14.58 9.98
C THR A 187 2.52 -14.77 11.13
N PHE A 188 2.41 -13.90 12.13
CA PHE A 188 3.19 -14.00 13.36
C PHE A 188 2.33 -13.52 14.52
N SER A 189 2.86 -13.58 15.73
CA SER A 189 2.16 -12.97 16.86
C SER A 189 3.18 -12.28 17.76
N TYR A 190 2.66 -11.46 18.65
CA TYR A 190 3.50 -10.82 19.67
C TYR A 190 2.68 -10.50 20.91
N ILE A 191 3.40 -10.28 22.01
CA ILE A 191 2.76 -10.00 23.29
C ILE A 191 2.31 -8.54 23.34
N ALA A 192 1.04 -8.34 23.71
CA ALA A 192 0.43 -7.01 23.74
C ALA A 192 0.77 -6.26 25.02
N GLN A 193 0.85 -4.94 24.91
CA GLN A 193 1.17 -4.07 26.07
C GLN A 193 0.15 -4.21 27.20
N GLU A 194 -1.13 -4.37 26.84
CA GLU A 194 -2.20 -4.59 27.82
C GLU A 194 -3.34 -5.33 27.17
N SER B 7 -24.81 3.27 -0.79
CA SER B 7 -23.35 3.19 -0.51
C SER B 7 -22.56 3.86 -1.63
N LEU B 8 -21.27 4.08 -1.41
CA LEU B 8 -20.42 4.70 -2.44
C LEU B 8 -20.48 3.90 -3.74
N SER B 9 -20.72 4.58 -4.85
CA SER B 9 -20.79 3.91 -6.15
C SER B 9 -20.21 4.77 -7.26
N ILE B 10 -19.90 4.14 -8.38
CA ILE B 10 -19.31 4.79 -9.55
C ILE B 10 -20.17 4.51 -10.77
N THR B 11 -20.38 5.54 -11.59
CA THR B 11 -21.22 5.41 -12.77
C THR B 11 -20.54 4.57 -13.86
N THR B 12 -21.29 3.62 -14.42
CA THR B 12 -20.81 2.68 -15.44
C THR B 12 -19.59 1.90 -14.93
N PRO B 13 -19.79 1.08 -13.87
CA PRO B 13 -18.66 0.40 -13.23
C PRO B 13 -17.89 -0.60 -14.10
N GLU B 14 -18.50 -1.05 -15.20
CA GLU B 14 -17.72 -1.68 -16.27
C GLU B 14 -18.02 -0.95 -17.57
N GLU B 15 -16.98 -0.53 -18.26
CA GLU B 15 -17.15 0.32 -19.45
C GLU B 15 -16.14 -0.04 -20.51
N MET B 16 -16.60 -0.06 -21.76
CA MET B 16 -15.81 -0.23 -22.96
CA MET B 16 -15.63 -0.19 -22.84
C MET B 16 -15.57 1.13 -23.60
N ILE B 17 -14.33 1.51 -23.92
CA ILE B 17 -14.05 2.78 -24.58
C ILE B 17 -13.14 2.50 -25.76
N GLU B 18 -13.49 3.02 -26.93
CA GLU B 18 -12.58 2.95 -28.08
C GLU B 18 -12.22 4.35 -28.55
N LYS B 19 -10.95 4.52 -28.92
CA LYS B 19 -10.47 5.78 -29.46
C LYS B 19 -9.39 5.49 -30.50
N ALA B 20 -9.13 6.46 -31.37
CA ALA B 20 -8.10 6.28 -32.40
C ALA B 20 -6.71 6.63 -31.89
N LYS B 21 -5.72 5.94 -32.44
CA LYS B 21 -4.31 6.24 -32.22
C LYS B 21 -4.05 7.73 -32.38
N GLY B 22 -3.28 8.30 -31.45
CA GLY B 22 -2.90 9.72 -31.48
C GLY B 22 -3.87 10.65 -30.77
N GLU B 23 -5.08 10.17 -30.52
CA GLU B 23 -6.10 10.97 -29.84
C GLU B 23 -5.94 10.89 -28.31
N THR B 24 -6.79 11.63 -27.61
CA THR B 24 -6.83 11.62 -26.16
C THR B 24 -8.06 10.83 -25.68
N ALA B 25 -7.83 9.82 -24.86
CA ALA B 25 -8.93 9.06 -24.24
C ALA B 25 -9.38 9.71 -22.96
N TYR B 26 -10.70 9.83 -22.79
CA TYR B 26 -11.27 10.30 -21.55
C TYR B 26 -11.83 9.08 -20.81
N LEU B 27 -11.27 8.82 -19.63
CA LEU B 27 -11.62 7.63 -18.85
C LEU B 27 -12.47 8.06 -17.65
N PRO B 28 -13.81 7.91 -17.76
CA PRO B 28 -14.65 8.46 -16.70
C PRO B 28 -14.62 7.67 -15.40
N CYS B 29 -14.60 8.39 -14.28
CA CYS B 29 -14.77 7.77 -12.97
C CYS B 29 -15.54 8.74 -12.09
N LYS B 30 -16.84 8.81 -12.35
CA LYS B 30 -17.71 9.73 -11.63
C LYS B 30 -18.39 8.99 -10.49
N PHE B 31 -18.22 9.47 -9.28
CA PHE B 31 -18.65 8.75 -8.09
C PHE B 31 -19.67 9.51 -7.25
N THR B 32 -20.49 8.74 -6.55
CA THR B 32 -21.54 9.25 -5.69
C THR B 32 -21.27 8.76 -4.27
N LEU B 33 -21.12 9.70 -3.34
CA LEU B 33 -20.88 9.40 -1.93
C LEU B 33 -22.19 9.15 -1.20
N SER B 34 -22.11 8.37 -0.13
CA SER B 34 -23.27 8.18 0.75
C SER B 34 -22.98 8.90 2.07
N PRO B 35 -24.04 9.15 2.87
CA PRO B 35 -23.86 9.89 4.12
C PRO B 35 -22.79 9.33 5.07
N GLU B 36 -22.57 8.01 5.04
CA GLU B 36 -21.62 7.38 5.95
C GLU B 36 -20.15 7.67 5.58
N ASP B 37 -19.90 8.13 4.35
CA ASP B 37 -18.54 8.23 3.80
C ASP B 37 -17.84 9.50 4.28
N GLN B 38 -17.41 9.49 5.54
CA GLN B 38 -16.87 10.71 6.11
CA GLN B 38 -16.94 10.66 6.26
C GLN B 38 -15.39 10.66 6.38
N GLY B 39 -14.74 9.59 5.91
CA GLY B 39 -13.28 9.46 5.98
C GLY B 39 -12.52 10.23 4.91
N PRO B 40 -11.21 10.01 4.81
CA PRO B 40 -10.40 10.75 3.84
C PRO B 40 -10.56 10.21 2.42
N LEU B 41 -10.78 11.11 1.46
CA LEU B 41 -10.92 10.68 0.06
C LEU B 41 -9.60 10.15 -0.49
N ASP B 42 -9.68 8.99 -1.16
CA ASP B 42 -8.50 8.31 -1.70
C ASP B 42 -8.87 7.76 -3.08
N ILE B 43 -8.15 8.20 -4.11
CA ILE B 43 -8.39 7.73 -5.48
C ILE B 43 -7.14 7.05 -6.01
N GLU B 44 -7.30 5.85 -6.56
CA GLU B 44 -6.18 5.14 -7.17
C GLU B 44 -6.57 4.62 -8.54
N TRP B 45 -5.74 4.88 -9.54
CA TRP B 45 -5.89 4.25 -10.86
C TRP B 45 -4.77 3.24 -11.08
N LEU B 46 -5.12 2.10 -11.67
CA LEU B 46 -4.17 1.03 -11.99
C LEU B 46 -4.40 0.54 -13.42
N ILE B 47 -3.38 -0.10 -13.98
CA ILE B 47 -3.48 -0.79 -15.26
C ILE B 47 -3.04 -2.25 -15.08
N SER B 48 -3.70 -3.14 -15.83
CA SER B 48 -3.21 -4.52 -15.94
C SER B 48 -2.30 -4.62 -17.17
N PRO B 49 -0.99 -4.89 -16.96
CA PRO B 49 -0.06 -5.01 -18.09
C PRO B 49 -0.48 -6.06 -19.13
N ALA B 50 -0.07 -5.86 -20.38
CA ALA B 50 -0.29 -6.86 -21.43
C ALA B 50 0.36 -8.20 -21.09
N ASP B 51 1.51 -8.16 -20.41
CA ASP B 51 2.12 -9.36 -19.85
C ASP B 51 1.24 -9.86 -18.72
N ASN B 52 0.50 -10.94 -18.97
CA ASN B 52 -0.42 -11.47 -17.97
C ASN B 52 0.25 -12.06 -16.72
N GLN B 53 1.57 -12.27 -16.80
CA GLN B 53 2.35 -12.73 -15.65
C GLN B 53 2.85 -11.60 -14.74
N LYS B 54 2.50 -10.36 -15.06
CA LYS B 54 2.92 -9.20 -14.29
C LYS B 54 1.72 -8.67 -13.51
N VAL B 55 1.93 -8.36 -12.23
CA VAL B 55 0.85 -7.78 -11.43
C VAL B 55 0.46 -6.39 -11.93
N ASP B 56 -0.73 -5.94 -11.52
CA ASP B 56 -1.19 -4.60 -11.88
C ASP B 56 -0.20 -3.54 -11.41
N GLN B 57 -0.16 -2.43 -12.15
CA GLN B 57 0.75 -1.31 -11.87
C GLN B 57 -0.05 -0.06 -11.57
N VAL B 58 0.41 0.72 -10.59
CA VAL B 58 -0.21 2.00 -10.28
C VAL B 58 0.04 2.99 -11.42
N ILE B 59 -0.98 3.79 -11.75
CA ILE B 59 -0.87 4.88 -12.73
C ILE B 59 -0.78 6.26 -12.07
N ILE B 60 -1.77 6.59 -11.23
CA ILE B 60 -1.88 7.94 -10.64
C ILE B 60 -2.75 7.86 -9.40
N LEU B 61 -2.47 8.73 -8.43
CA LEU B 61 -3.20 8.77 -7.17
C LEU B 61 -3.69 10.17 -6.85
N TYR B 62 -4.80 10.26 -6.11
CA TYR B 62 -5.20 11.47 -5.41
C TYR B 62 -5.34 11.06 -3.95
N SER B 63 -4.53 11.65 -3.08
CA SER B 63 -4.46 11.22 -1.69
C SER B 63 -4.04 12.40 -0.84
N GLY B 64 -4.71 12.61 0.29
CA GLY B 64 -4.44 13.80 1.12
C GLY B 64 -4.47 15.10 0.33
N ASP B 65 -5.45 15.19 -0.59
CA ASP B 65 -5.64 16.37 -1.47
C ASP B 65 -4.44 16.71 -2.36
N LYS B 66 -3.61 15.71 -2.63
CA LYS B 66 -2.46 15.87 -3.50
CA LYS B 66 -2.41 15.84 -3.47
C LYS B 66 -2.42 14.78 -4.57
N ILE B 67 -1.86 15.14 -5.73
CA ILE B 67 -1.75 14.23 -6.85
C ILE B 67 -0.34 13.63 -6.89
N TYR B 68 -0.29 12.30 -7.00
CA TYR B 68 0.97 11.57 -7.13
C TYR B 68 0.96 10.84 -8.47
N ASP B 69 1.89 11.18 -9.35
CA ASP B 69 1.91 10.59 -10.68
C ASP B 69 3.24 9.96 -11.11
N ASP B 70 4.17 9.71 -10.18
CA ASP B 70 5.46 9.11 -10.54
CA ASP B 70 5.46 9.11 -10.53
C ASP B 70 5.39 7.58 -10.53
N TYR B 71 4.57 7.01 -11.43
CA TYR B 71 4.36 5.55 -11.45
C TYR B 71 4.61 4.92 -12.82
N TYR B 72 3.65 4.17 -13.35
CA TYR B 72 3.80 3.46 -14.64
C TYR B 72 4.56 4.26 -15.71
N PRO B 73 5.83 3.87 -15.99
CA PRO B 73 6.67 4.62 -16.94
C PRO B 73 6.06 4.88 -18.33
N ASP B 74 5.37 3.89 -18.89
CA ASP B 74 4.77 4.04 -20.24
C ASP B 74 3.72 5.14 -20.34
N LEU B 75 3.14 5.52 -19.19
CA LEU B 75 2.12 6.58 -19.14
C LEU B 75 2.62 7.90 -18.55
N LYS B 76 3.84 7.92 -18.04
CA LYS B 76 4.41 9.11 -17.40
C LYS B 76 4.27 10.35 -18.30
N GLY B 77 3.68 11.41 -17.76
CA GLY B 77 3.46 12.65 -18.49
C GLY B 77 2.21 12.69 -19.36
N ARG B 78 1.59 11.53 -19.57
CA ARG B 78 0.44 11.42 -20.49
C ARG B 78 -0.90 11.28 -19.78
N VAL B 79 -0.87 11.13 -18.46
CA VAL B 79 -2.09 10.92 -17.68
C VAL B 79 -2.32 12.05 -16.69
N HIS B 80 -3.55 12.57 -16.67
CA HIS B 80 -3.90 13.67 -15.78
C HIS B 80 -5.34 13.53 -15.33
N PHE B 81 -5.59 13.92 -14.08
CA PHE B 81 -6.97 14.10 -13.64
C PHE B 81 -7.58 15.28 -14.41
N THR B 82 -8.82 15.10 -14.85
CA THR B 82 -9.47 16.08 -15.72
C THR B 82 -10.31 17.13 -14.97
N SER B 83 -10.82 16.78 -13.80
CA SER B 83 -11.76 17.67 -13.10
C SER B 83 -11.05 18.82 -12.40
N ASN B 84 -11.69 19.99 -12.40
CA ASN B 84 -11.22 21.09 -11.55
C ASN B 84 -11.79 21.03 -10.13
N ASP B 85 -12.54 19.96 -9.85
CA ASP B 85 -13.13 19.76 -8.53
C ASP B 85 -13.35 18.27 -8.28
N LEU B 86 -12.25 17.53 -8.23
CA LEU B 86 -12.30 16.07 -8.13
C LEU B 86 -13.11 15.60 -6.90
N LYS B 87 -12.91 16.26 -5.76
CA LYS B 87 -13.55 15.84 -4.51
C LYS B 87 -15.08 15.87 -4.54
N SER B 88 -15.65 16.59 -5.51
CA SER B 88 -17.11 16.66 -5.62
CA SER B 88 -17.11 16.71 -5.64
C SER B 88 -17.71 15.52 -6.40
N GLY B 89 -16.88 14.56 -6.81
CA GLY B 89 -17.40 13.38 -7.46
C GLY B 89 -16.85 13.03 -8.84
N ASP B 90 -15.66 13.54 -9.18
CA ASP B 90 -15.13 13.31 -10.53
C ASP B 90 -13.66 12.95 -10.52
N ALA B 91 -13.39 11.64 -10.53
CA ALA B 91 -12.03 11.09 -10.49
C ALA B 91 -11.52 10.71 -11.88
N SER B 92 -12.16 11.23 -12.93
CA SER B 92 -11.82 10.89 -14.32
C SER B 92 -10.39 11.30 -14.67
N ILE B 93 -9.80 10.57 -15.60
CA ILE B 93 -8.47 10.89 -16.13
C ILE B 93 -8.50 10.93 -17.64
N ASN B 94 -7.56 11.65 -18.24
CA ASN B 94 -7.31 11.41 -19.64
C ASN B 94 -5.92 10.87 -19.92
N VAL B 95 -5.80 10.27 -21.09
CA VAL B 95 -4.55 9.69 -21.57
C VAL B 95 -4.31 10.28 -22.95
N THR B 96 -3.24 11.05 -23.09
CA THR B 96 -2.97 11.77 -24.34
C THR B 96 -2.12 10.94 -25.31
N ASN B 97 -2.11 11.34 -26.57
CA ASN B 97 -1.36 10.70 -27.63
CA ASN B 97 -1.36 10.67 -27.64
C ASN B 97 -1.39 9.15 -27.53
N LEU B 98 -2.59 8.60 -27.65
CA LEU B 98 -2.79 7.16 -27.51
C LEU B 98 -1.92 6.35 -28.48
N GLN B 99 -1.35 5.28 -27.93
CA GLN B 99 -0.55 4.32 -28.68
C GLN B 99 -1.32 3.00 -28.67
N LEU B 100 -1.05 2.14 -29.66
CA LEU B 100 -1.66 0.81 -29.66
C LEU B 100 -1.31 0.02 -28.39
N SER B 101 -0.14 0.30 -27.83
CA SER B 101 0.32 -0.35 -26.60
C SER B 101 -0.49 0.07 -25.36
N ASP B 102 -1.34 1.09 -25.49
CA ASP B 102 -2.20 1.53 -24.39
C ASP B 102 -3.46 0.69 -24.24
N ILE B 103 -3.69 -0.23 -25.17
CA ILE B 103 -4.82 -1.17 -25.06
C ILE B 103 -4.69 -1.96 -23.76
N GLY B 104 -5.79 -2.03 -23.01
CA GLY B 104 -5.79 -2.81 -21.79
C GLY B 104 -6.93 -2.45 -20.87
N THR B 105 -6.92 -3.05 -19.69
CA THR B 105 -7.95 -2.80 -18.68
C THR B 105 -7.40 -1.89 -17.59
N TYR B 106 -8.12 -0.79 -17.37
CA TYR B 106 -7.76 0.26 -16.43
C TYR B 106 -8.75 0.20 -15.28
N GLN B 107 -8.28 0.43 -14.06
CA GLN B 107 -9.15 0.37 -12.89
C GLN B 107 -9.08 1.66 -12.09
N CYS B 108 -10.27 2.17 -11.75
CA CYS B 108 -10.42 3.32 -10.87
C CYS B 108 -10.98 2.84 -9.53
N LYS B 109 -10.26 3.14 -8.45
CA LYS B 109 -10.69 2.77 -7.09
C LYS B 109 -10.94 4.06 -6.31
N VAL B 110 -12.17 4.20 -5.81
CA VAL B 110 -12.59 5.38 -5.05
C VAL B 110 -12.92 4.96 -3.63
N LYS B 111 -12.27 5.60 -2.67
CA LYS B 111 -12.46 5.25 -1.27
C LYS B 111 -12.68 6.50 -0.45
N LYS B 112 -13.62 6.42 0.50
CA LYS B 112 -13.81 7.50 1.47
C LYS B 112 -14.39 6.82 2.71
N ALA B 113 -13.48 6.34 3.56
CA ALA B 113 -13.80 5.34 4.58
C ALA B 113 -15.09 5.68 5.37
N PRO B 114 -15.99 4.70 5.56
CA PRO B 114 -15.89 3.29 5.15
C PRO B 114 -16.28 2.98 3.70
N GLY B 115 -16.59 4.00 2.91
CA GLY B 115 -17.06 3.77 1.55
C GLY B 115 -15.96 3.34 0.59
N VAL B 116 -16.32 2.41 -0.29
CA VAL B 116 -15.44 1.79 -1.26
CA VAL B 116 -15.37 1.92 -1.31
C VAL B 116 -16.16 1.48 -2.56
N ALA B 117 -15.55 1.73 -3.72
CA ALA B 117 -16.12 1.29 -5.00
C ALA B 117 -15.02 1.19 -6.01
N ASN B 118 -15.18 0.34 -7.02
CA ASN B 118 -14.17 0.20 -8.09
CA ASN B 118 -14.21 0.38 -8.11
C ASN B 118 -14.87 0.19 -9.46
N LYS B 119 -14.13 0.59 -10.49
CA LYS B 119 -14.60 0.57 -11.86
C LYS B 119 -13.51 0.03 -12.75
N LYS B 120 -13.89 -0.77 -13.75
CA LYS B 120 -12.95 -1.23 -14.77
C LYS B 120 -13.35 -0.73 -16.15
N ILE B 121 -12.35 -0.25 -16.89
CA ILE B 121 -12.54 0.24 -18.25
C ILE B 121 -11.67 -0.60 -19.18
N HIS B 122 -12.28 -1.12 -20.24
CA HIS B 122 -11.54 -1.81 -21.28
C HIS B 122 -11.30 -0.81 -22.39
N LEU B 123 -10.04 -0.37 -22.53
CA LEU B 123 -9.69 0.63 -23.55
C LEU B 123 -9.16 -0.06 -24.80
N VAL B 124 -9.75 0.31 -25.94
CA VAL B 124 -9.33 -0.18 -27.25
C VAL B 124 -8.83 1.02 -28.06
N VAL B 125 -7.64 0.90 -28.63
CA VAL B 125 -7.05 1.95 -29.46
C VAL B 125 -6.97 1.42 -30.90
N LEU B 126 -7.55 2.18 -31.84
CA LEU B 126 -7.65 1.75 -33.23
C LEU B 126 -6.66 2.50 -34.11
#